data_6V4M
#
_entry.id   6V4M
#
_cell.length_a   55.248
_cell.length_b   55.248
_cell.length_c   111.249
_cell.angle_alpha   90.000
_cell.angle_beta   90.000
_cell.angle_gamma   90.000
#
_symmetry.space_group_name_H-M   'P 41 21 2'
#
loop_
_entity.id
_entity.type
_entity.pdbx_description
1 polymer BCL-2
2 non-polymer 'CHLORIDE ION'
3 non-polymer 'SULFATE ION'
4 water water
#
_entity_poly.entity_id   1
_entity_poly.type   'polypeptide(L)'
_entity_poly.pdbx_seq_one_letter_code
;GSMSAHNWDNELSGIQNTSVSLAADYVYMRLATEGFVFGIRSSVRAPIRLCDAMFLMCDLFERKFHDRYIAPLKNACLGI
SAKDMDMRMFFSALDSVFSSGISWSRIVAMYAFAGSVALACARQGRRQTVIAIPEWIMLYMRRAIAPWIHANGGWDSFIK
FSQDVLNGNHEEDG
;
_entity_poly.pdbx_strand_id   A
#
# COMPACT_ATOMS: atom_id res chain seq x y z
N TRP A 8 -25.41 -1.23 3.90
CA TRP A 8 -25.21 -0.63 5.22
C TRP A 8 -23.86 0.08 5.31
N ASP A 9 -23.90 1.37 5.57
CA ASP A 9 -22.69 2.15 5.77
C ASP A 9 -22.39 2.16 7.28
N ASN A 10 -21.29 1.52 7.66
CA ASN A 10 -20.82 1.52 9.02
C ASN A 10 -19.35 1.88 9.00
N GLU A 11 -18.76 2.05 10.19
CA GLU A 11 -17.41 2.62 10.22
C GLU A 11 -16.37 1.67 9.64
N LEU A 12 -16.57 0.36 9.74
CA LEU A 12 -15.62 -0.58 9.15
C LEU A 12 -15.74 -0.60 7.63
N SER A 13 -16.97 -0.63 7.10
CA SER A 13 -17.12 -0.56 5.65
C SER A 13 -16.57 0.75 5.12
N GLY A 14 -16.71 1.84 5.88
CA GLY A 14 -16.11 3.10 5.49
C GLY A 14 -14.59 3.03 5.41
N ILE A 15 -13.98 2.44 6.44
CA ILE A 15 -12.52 2.24 6.43
C ILE A 15 -12.11 1.41 5.23
N GLN A 16 -12.87 0.35 4.93
CA GLN A 16 -12.53 -0.52 3.79
C GLN A 16 -12.65 0.25 2.47
N ASN A 17 -13.71 1.03 2.29
CA ASN A 17 -13.84 1.80 1.05
C ASN A 17 -12.68 2.79 0.92
N THR A 18 -12.30 3.44 2.02
CA THR A 18 -11.19 4.37 1.96
C THR A 18 -9.89 3.65 1.64
N SER A 19 -9.68 2.48 2.24
CA SER A 19 -8.43 1.75 2.02
C SER A 19 -8.26 1.37 0.56
N VAL A 20 -9.35 0.94 -0.10
CA VAL A 20 -9.18 0.51 -1.49
C VAL A 20 -9.11 1.71 -2.44
N SER A 21 -9.83 2.81 -2.14
CA SER A 21 -9.67 4.04 -2.93
C SER A 21 -8.23 4.51 -2.85
N LEU A 22 -7.68 4.51 -1.64
CA LEU A 22 -6.30 4.92 -1.43
C LEU A 22 -5.33 3.97 -2.14
N ALA A 23 -5.61 2.67 -2.11
CA ALA A 23 -4.72 1.72 -2.77
C ALA A 23 -4.72 1.94 -4.27
N ALA A 24 -5.88 2.25 -4.85
CA ALA A 24 -5.92 2.57 -6.27
C ALA A 24 -5.13 3.84 -6.57
N ASP A 25 -5.39 4.93 -5.83
CA ASP A 25 -4.62 6.16 -6.04
C ASP A 25 -3.12 5.86 -5.94
N TYR A 26 -2.71 5.17 -4.88
CA TYR A 26 -1.27 5.03 -4.65
C TYR A 26 -0.63 4.17 -5.75
N VAL A 27 -1.25 3.06 -6.13
CA VAL A 27 -0.66 2.20 -7.15
C VAL A 27 -0.45 2.97 -8.45
N TYR A 28 -1.47 3.73 -8.88
CA TYR A 28 -1.35 4.45 -10.15
C TYR A 28 -0.40 5.63 -10.06
N MET A 29 -0.32 6.30 -8.90
CA MET A 29 0.66 7.36 -8.72
C MET A 29 2.08 6.80 -8.75
N ARG A 30 2.32 5.74 -7.99
CA ARG A 30 3.65 5.12 -7.99
C ARG A 30 4.05 4.68 -9.40
N LEU A 31 3.13 4.05 -10.13
CA LEU A 31 3.44 3.65 -11.49
C LEU A 31 3.83 4.86 -12.34
N ALA A 32 3.11 5.97 -12.17
CA ALA A 32 3.41 7.19 -12.93
C ALA A 32 4.80 7.74 -12.63
N THR A 33 5.30 7.57 -11.40
CA THR A 33 6.63 8.10 -11.09
C THR A 33 7.72 7.43 -11.91
N GLU A 34 7.44 6.25 -12.46
CA GLU A 34 8.40 5.55 -13.30
C GLU A 34 7.97 5.56 -14.77
N GLY A 35 6.96 6.36 -15.11
CA GLY A 35 6.57 6.52 -16.49
C GLY A 35 5.50 5.58 -16.99
N PHE A 36 5.00 4.68 -16.14
CA PHE A 36 3.86 3.82 -16.48
C PHE A 36 2.59 4.58 -16.15
N VAL A 37 1.97 5.14 -17.18
CA VAL A 37 0.80 5.99 -17.03
C VAL A 37 -0.41 5.19 -17.49
N PHE A 38 -1.10 4.55 -16.53
CA PHE A 38 -2.19 3.64 -16.88
C PHE A 38 -3.48 4.37 -17.25
N GLY A 39 -3.69 5.58 -16.71
CA GLY A 39 -4.89 6.33 -17.03
C GLY A 39 -6.17 5.67 -16.60
N ILE A 40 -6.14 4.91 -15.51
CA ILE A 40 -7.35 4.20 -15.07
C ILE A 40 -8.33 5.16 -14.41
N ARG A 41 -7.83 6.12 -13.63
CA ARG A 41 -8.67 7.01 -12.84
C ARG A 41 -9.04 8.26 -13.61
N SER A 42 -10.26 8.75 -13.38
CA SER A 42 -10.68 10.06 -13.86
C SER A 42 -10.42 11.17 -12.86
N SER A 43 -10.29 10.81 -11.59
CA SER A 43 -9.98 11.78 -10.54
C SER A 43 -9.35 11.03 -9.38
N VAL A 44 -8.85 11.78 -8.41
CA VAL A 44 -8.33 11.16 -7.20
C VAL A 44 -9.48 10.48 -6.47
N ARG A 45 -9.29 9.21 -6.10
CA ARG A 45 -10.38 8.44 -5.53
C ARG A 45 -10.52 8.59 -4.02
N ALA A 46 -9.42 8.63 -3.30
CA ALA A 46 -9.42 8.83 -1.87
C ALA A 46 -9.47 10.32 -1.56
N PRO A 47 -9.80 10.70 -0.32
CA PRO A 47 -9.66 12.11 0.06
C PRO A 47 -8.26 12.61 -0.25
N ILE A 48 -8.19 13.84 -0.78
CA ILE A 48 -6.92 14.38 -1.29
C ILE A 48 -5.85 14.37 -0.21
N ARG A 49 -6.19 14.82 1.00
CA ARG A 49 -5.20 14.89 2.07
C ARG A 49 -4.63 13.50 2.40
N LEU A 50 -5.49 12.49 2.41
CA LEU A 50 -5.03 11.13 2.68
C LEU A 50 -4.20 10.58 1.53
N CYS A 51 -4.62 10.87 0.29
CA CYS A 51 -3.84 10.47 -0.87
C CYS A 51 -2.44 11.08 -0.81
N ASP A 52 -2.36 12.39 -0.56
CA ASP A 52 -1.07 13.05 -0.38
C ASP A 52 -0.26 12.34 0.69
N ALA A 53 -0.87 12.11 1.85
CA ALA A 53 -0.16 11.53 2.99
C ALA A 53 0.44 10.19 2.63
N MET A 54 -0.35 9.28 2.06
CA MET A 54 0.18 7.94 1.78
C MET A 54 1.28 8.01 0.72
N PHE A 55 1.09 8.80 -0.34
CA PHE A 55 2.10 8.85 -1.38
C PHE A 55 3.42 9.37 -0.82
N LEU A 56 3.35 10.43 -0.03
CA LEU A 56 4.57 11.03 0.48
C LEU A 56 5.23 10.15 1.53
N MET A 57 4.44 9.45 2.34
CA MET A 57 5.02 8.53 3.32
C MET A 57 5.69 7.35 2.62
N CYS A 58 5.03 6.78 1.61
CA CYS A 58 5.66 5.69 0.86
C CYS A 58 6.96 6.15 0.22
N ASP A 59 6.98 7.37 -0.33
CA ASP A 59 8.20 7.87 -0.94
C ASP A 59 9.31 8.01 0.10
N LEU A 60 9.00 8.58 1.27
CA LEU A 60 9.99 8.73 2.32
C LEU A 60 10.51 7.37 2.76
N PHE A 61 9.63 6.38 2.89
CA PHE A 61 10.09 5.06 3.34
C PHE A 61 11.00 4.42 2.30
N GLU A 62 10.66 4.54 1.02
CA GLU A 62 11.51 4.00 -0.03
C GLU A 62 12.89 4.64 0.00
N ARG A 63 12.97 5.93 0.26
CA ARG A 63 14.21 6.68 0.17
C ARG A 63 15.05 6.59 1.45
N LYS A 64 14.41 6.53 2.61
CA LYS A 64 15.11 6.70 3.87
C LYS A 64 14.93 5.57 4.86
N PHE A 65 13.94 4.70 4.69
CA PHE A 65 13.70 3.61 5.63
C PHE A 65 13.51 2.28 4.91
N HIS A 66 14.23 2.09 3.80
CA HIS A 66 13.92 0.94 2.95
C HIS A 66 14.21 -0.39 3.64
N ASP A 67 15.37 -0.50 4.28
CA ASP A 67 15.70 -1.81 4.82
C ASP A 67 14.91 -2.14 6.08
N ARG A 68 14.43 -1.14 6.82
CA ARG A 68 13.60 -1.42 7.98
C ARG A 68 12.20 -1.85 7.58
N TYR A 69 11.62 -1.23 6.56
CA TYR A 69 10.20 -1.43 6.30
C TYR A 69 9.89 -2.15 5.00
N ILE A 70 10.66 -1.94 3.95
CA ILE A 70 10.33 -2.50 2.65
CA ILE A 70 10.36 -2.48 2.62
C ILE A 70 11.16 -3.75 2.34
N ALA A 71 12.45 -3.74 2.65
CA ALA A 71 13.27 -4.93 2.42
C ALA A 71 12.67 -6.21 3.02
N PRO A 72 12.10 -6.22 4.23
CA PRO A 72 11.55 -7.49 4.73
C PRO A 72 10.46 -8.07 3.84
N LEU A 73 9.62 -7.22 3.25
CA LEU A 73 8.58 -7.71 2.36
C LEU A 73 9.17 -8.20 1.03
N LYS A 74 10.12 -7.46 0.47
CA LYS A 74 10.79 -7.93 -0.73
C LYS A 74 11.54 -9.23 -0.46
N ASN A 75 12.22 -9.32 0.68
CA ASN A 75 13.00 -10.52 0.95
C ASN A 75 12.11 -11.73 1.11
N ALA A 76 10.90 -11.55 1.67
CA ALA A 76 9.96 -12.65 1.74
C ALA A 76 9.60 -13.21 0.36
N CYS A 77 9.78 -12.41 -0.70
CA CYS A 77 9.43 -12.82 -2.06
C CYS A 77 10.64 -13.22 -2.90
N LEU A 78 11.82 -13.38 -2.29
CA LEU A 78 13.01 -13.67 -3.08
C LEU A 78 12.83 -14.96 -3.86
N GLY A 79 13.15 -14.90 -5.14
CA GLY A 79 13.02 -16.06 -6.00
C GLY A 79 11.66 -16.23 -6.63
N ILE A 80 10.81 -15.22 -6.59
CA ILE A 80 9.53 -15.22 -7.30
C ILE A 80 9.63 -14.20 -8.43
N SER A 81 9.51 -14.68 -9.67
CA SER A 81 9.56 -13.79 -10.81
C SER A 81 8.30 -12.94 -10.89
N ALA A 82 8.41 -11.80 -11.56
CA ALA A 82 7.23 -10.96 -11.75
C ALA A 82 6.12 -11.72 -12.45
N LYS A 83 6.48 -12.67 -13.32
CA LYS A 83 5.47 -13.46 -14.02
C LYS A 83 4.64 -14.34 -13.09
N ASP A 84 5.17 -14.70 -11.92
CA ASP A 84 4.48 -15.58 -10.99
C ASP A 84 3.91 -14.88 -9.76
N MET A 85 4.16 -13.59 -9.61
CA MET A 85 3.62 -12.85 -8.47
C MET A 85 2.10 -12.87 -8.48
N ASP A 86 1.51 -13.24 -7.35
CA ASP A 86 0.06 -13.33 -7.24
C ASP A 86 -0.38 -12.89 -5.85
N MET A 87 -1.69 -12.92 -5.64
CA MET A 87 -2.23 -12.42 -4.38
C MET A 87 -1.81 -13.29 -3.21
N ARG A 88 -1.67 -14.59 -3.43
CA ARG A 88 -1.21 -15.49 -2.36
C ARG A 88 0.19 -15.11 -1.89
N MET A 89 1.10 -14.85 -2.84
CA MET A 89 2.44 -14.35 -2.50
C MET A 89 2.35 -13.08 -1.70
N PHE A 90 1.51 -12.13 -2.17
CA PHE A 90 1.34 -10.85 -1.52
C PHE A 90 0.89 -11.02 -0.07
N PHE A 91 -0.14 -11.87 0.14
CA PHE A 91 -0.63 -12.13 1.49
C PHE A 91 0.46 -12.74 2.37
N SER A 92 1.18 -13.73 1.82
CA SER A 92 2.22 -14.40 2.61
CA SER A 92 2.23 -14.40 2.60
C SER A 92 3.31 -13.42 3.01
N ALA A 93 3.71 -12.54 2.10
CA ALA A 93 4.74 -11.57 2.45
C ALA A 93 4.25 -10.63 3.53
N LEU A 94 3.04 -10.09 3.37
CA LEU A 94 2.50 -9.20 4.38
C LEU A 94 2.39 -9.91 5.73
N ASP A 95 1.93 -11.16 5.72
CA ASP A 95 1.85 -11.93 6.96
C ASP A 95 3.19 -12.02 7.65
N SER A 96 4.29 -12.09 6.90
CA SER A 96 5.59 -12.30 7.53
C SER A 96 6.00 -11.12 8.41
N VAL A 97 5.44 -9.94 8.17
CA VAL A 97 5.66 -8.79 9.03
C VAL A 97 4.53 -8.61 10.04
N PHE A 98 3.28 -8.62 9.57
CA PHE A 98 2.17 -8.30 10.46
C PHE A 98 1.98 -9.36 11.54
N SER A 99 2.56 -10.55 11.38
CA SER A 99 2.45 -11.57 12.42
C SER A 99 3.01 -11.10 13.76
N SER A 100 3.92 -10.11 13.74
CA SER A 100 4.50 -9.59 14.97
C SER A 100 3.89 -8.27 15.39
N GLY A 101 2.86 -7.80 14.69
CA GLY A 101 2.18 -6.59 15.11
C GLY A 101 1.82 -5.64 13.98
N ILE A 102 0.94 -4.69 14.29
CA ILE A 102 0.43 -3.71 13.32
C ILE A 102 0.79 -2.32 13.81
N SER A 103 1.20 -1.47 12.88
CA SER A 103 1.53 -0.06 13.16
C SER A 103 1.26 0.72 11.90
N TRP A 104 1.16 2.05 12.04
CA TRP A 104 1.00 2.87 10.84
C TRP A 104 2.20 2.71 9.91
N SER A 105 3.40 2.57 10.46
CA SER A 105 4.57 2.42 9.61
C SER A 105 4.52 1.12 8.82
N ARG A 106 4.07 0.03 9.44
CA ARG A 106 3.89 -1.22 8.71
C ARG A 106 2.77 -1.13 7.67
N ILE A 107 1.75 -0.30 7.92
CA ILE A 107 0.71 -0.12 6.92
C ILE A 107 1.25 0.67 5.73
N VAL A 108 2.05 1.71 5.97
CA VAL A 108 2.74 2.40 4.88
C VAL A 108 3.56 1.41 4.07
N ALA A 109 4.31 0.55 4.77
CA ALA A 109 5.15 -0.43 4.08
C ALA A 109 4.32 -1.33 3.17
N MET A 110 3.11 -1.72 3.63
CA MET A 110 2.23 -2.54 2.80
C MET A 110 1.85 -1.83 1.51
N TYR A 111 1.50 -0.55 1.59
CA TYR A 111 1.15 0.21 0.39
C TYR A 111 2.39 0.40 -0.50
N ALA A 112 3.53 0.74 0.10
CA ALA A 112 4.74 0.92 -0.70
C ALA A 112 5.10 -0.37 -1.43
N PHE A 113 5.00 -1.49 -0.72
CA PHE A 113 5.32 -2.78 -1.30
C PHE A 113 4.35 -3.14 -2.42
N ALA A 114 3.06 -2.85 -2.24
CA ALA A 114 2.11 -3.02 -3.34
C ALA A 114 2.56 -2.22 -4.56
N GLY A 115 3.09 -1.01 -4.35
CA GLY A 115 3.66 -0.25 -5.45
C GLY A 115 4.83 -0.94 -6.10
N SER A 116 5.74 -1.49 -5.29
CA SER A 116 6.88 -2.25 -5.81
C SER A 116 6.40 -3.42 -6.67
N VAL A 117 5.42 -4.18 -6.16
CA VAL A 117 4.90 -5.31 -6.93
C VAL A 117 4.25 -4.82 -8.21
N ALA A 118 3.47 -3.73 -8.13
CA ALA A 118 2.84 -3.17 -9.32
C ALA A 118 3.87 -2.80 -10.36
N LEU A 119 4.97 -2.16 -9.95
CA LEU A 119 6.02 -1.77 -10.89
C LEU A 119 6.65 -3.01 -11.52
N ALA A 120 6.94 -4.03 -10.72
CA ALA A 120 7.53 -5.24 -11.27
C ALA A 120 6.59 -5.90 -12.27
N CYS A 121 5.28 -5.90 -11.98
CA CYS A 121 4.33 -6.51 -12.92
C CYS A 121 4.15 -5.66 -14.17
N ALA A 122 4.17 -4.33 -14.03
CA ALA A 122 4.04 -3.48 -15.20
C ALA A 122 5.23 -3.63 -16.14
N ARG A 123 6.44 -3.79 -15.58
CA ARG A 123 7.61 -3.99 -16.43
CA ARG A 123 7.63 -4.00 -16.41
C ARG A 123 7.55 -5.31 -17.16
N GLN A 124 6.79 -6.28 -16.67
CA GLN A 124 6.58 -7.54 -17.36
C GLN A 124 5.30 -7.54 -18.18
N GLY A 125 4.59 -6.41 -18.22
CA GLY A 125 3.40 -6.32 -19.06
C GLY A 125 2.19 -7.04 -18.50
N ARG A 126 2.16 -7.31 -17.20
CA ARG A 126 1.05 -8.05 -16.60
C ARG A 126 -0.04 -7.08 -16.16
N ARG A 127 -0.69 -6.49 -17.16
CA ARG A 127 -1.62 -5.38 -16.93
C ARG A 127 -2.74 -5.77 -15.99
N GLN A 128 -3.37 -6.92 -16.23
CA GLN A 128 -4.51 -7.34 -15.41
C GLN A 128 -4.12 -7.58 -13.97
N THR A 129 -2.88 -8.01 -13.74
CA THR A 129 -2.41 -8.16 -12.37
C THR A 129 -2.25 -6.80 -11.71
N VAL A 130 -1.65 -5.84 -12.43
CA VAL A 130 -1.45 -4.50 -11.88
C VAL A 130 -2.77 -3.92 -11.37
N ILE A 131 -3.81 -3.99 -12.21
CA ILE A 131 -5.07 -3.32 -11.90
C ILE A 131 -5.80 -4.02 -10.75
N ALA A 132 -5.44 -5.26 -10.43
CA ALA A 132 -6.06 -5.97 -9.33
C ALA A 132 -5.40 -5.71 -7.98
N ILE A 133 -4.18 -5.15 -7.96
CA ILE A 133 -3.45 -5.03 -6.71
C ILE A 133 -4.23 -4.20 -5.69
N PRO A 134 -4.95 -3.13 -6.05
CA PRO A 134 -5.73 -2.44 -5.02
C PRO A 134 -6.72 -3.34 -4.31
N GLU A 135 -7.32 -4.28 -5.03
CA GLU A 135 -8.22 -5.22 -4.37
C GLU A 135 -7.47 -6.16 -3.46
N TRP A 136 -6.24 -6.54 -3.83
CA TRP A 136 -5.42 -7.35 -2.93
C TRP A 136 -5.29 -6.69 -1.57
N ILE A 137 -5.00 -5.39 -1.57
CA ILE A 137 -4.84 -4.66 -0.31
C ILE A 137 -6.15 -4.68 0.48
N MET A 138 -7.26 -4.35 -0.20
CA MET A 138 -8.55 -4.33 0.46
C MET A 138 -8.86 -5.68 1.10
N LEU A 139 -8.68 -6.76 0.34
CA LEU A 139 -9.03 -8.08 0.86
C LEU A 139 -8.10 -8.47 2.01
N TYR A 140 -6.81 -8.18 1.87
CA TYR A 140 -5.88 -8.52 2.94
C TYR A 140 -6.27 -7.85 4.26
N MET A 141 -6.72 -6.59 4.19
CA MET A 141 -6.93 -5.81 5.40
C MET A 141 -8.16 -6.23 6.19
N ARG A 142 -9.07 -7.00 5.60
CA ARG A 142 -10.33 -7.33 6.27
C ARG A 142 -10.13 -8.06 7.58
N ARG A 143 -9.12 -8.92 7.67
CA ARG A 143 -9.05 -9.81 8.82
C ARG A 143 -8.51 -9.12 10.06
N ALA A 144 -7.49 -8.28 9.91
CA ALA A 144 -6.82 -7.73 11.08
C ALA A 144 -6.49 -6.24 10.96
N ILE A 145 -6.07 -5.78 9.77
CA ILE A 145 -5.62 -4.39 9.66
C ILE A 145 -6.80 -3.44 9.83
N ALA A 146 -7.93 -3.75 9.20
CA ALA A 146 -9.09 -2.86 9.29
C ALA A 146 -9.58 -2.69 10.72
N PRO A 147 -9.81 -3.75 11.51
CA PRO A 147 -10.19 -3.50 12.91
C PRO A 147 -9.14 -2.76 13.71
N TRP A 148 -7.84 -3.02 13.43
CA TRP A 148 -6.79 -2.24 14.09
C TRP A 148 -6.92 -0.77 13.78
N ILE A 149 -7.16 -0.43 12.51
CA ILE A 149 -7.33 0.97 12.14
C ILE A 149 -8.51 1.58 12.89
N HIS A 150 -9.62 0.86 12.96
CA HIS A 150 -10.77 1.37 13.69
C HIS A 150 -10.43 1.66 15.15
N ALA A 151 -9.68 0.76 15.79
CA ALA A 151 -9.37 0.88 17.20
C ALA A 151 -8.27 1.89 17.48
N ASN A 152 -7.54 2.33 16.46
CA ASN A 152 -6.42 3.24 16.63
C ASN A 152 -6.66 4.58 15.97
N GLY A 153 -7.92 5.00 15.92
CA GLY A 153 -8.24 6.36 15.53
C GLY A 153 -8.72 6.54 14.10
N GLY A 154 -8.83 5.48 13.31
CA GLY A 154 -9.27 5.60 11.95
C GLY A 154 -8.20 6.19 11.06
N TRP A 155 -8.55 6.41 9.79
CA TRP A 155 -7.57 6.98 8.88
C TRP A 155 -7.18 8.39 9.28
N ASP A 156 -8.02 9.08 10.06
CA ASP A 156 -7.63 10.41 10.53
C ASP A 156 -6.36 10.34 11.38
N SER A 157 -6.20 9.26 12.15
CA SER A 157 -4.98 9.12 12.95
C SER A 157 -3.76 8.90 12.08
N PHE A 158 -3.93 8.23 10.94
CA PHE A 158 -2.82 8.12 9.99
C PHE A 158 -2.44 9.49 9.45
N ILE A 159 -3.43 10.34 9.19
CA ILE A 159 -3.13 11.68 8.69
C ILE A 159 -2.27 12.45 9.69
N LYS A 160 -2.63 12.38 10.97
CA LYS A 160 -1.84 13.07 12.00
C LYS A 160 -0.44 12.48 12.10
N PHE A 161 -0.35 11.16 12.09
CA PHE A 161 0.95 10.48 12.08
C PHE A 161 1.80 10.95 10.90
N SER A 162 1.20 10.94 9.70
CA SER A 162 1.92 11.37 8.50
C SER A 162 2.35 12.82 8.58
N GLN A 163 1.48 13.72 9.06
CA GLN A 163 1.87 15.12 9.18
C GLN A 163 3.07 15.26 10.10
N ASP A 164 3.08 14.52 11.22
CA ASP A 164 4.21 14.60 12.14
C ASP A 164 5.48 14.11 11.47
N VAL A 165 5.43 12.96 10.80
CA VAL A 165 6.62 12.38 10.21
C VAL A 165 7.13 13.26 9.07
N LEU A 166 6.22 13.69 8.18
CA LEU A 166 6.62 14.50 7.04
C LEU A 166 7.10 15.88 7.46
N ASN A 167 6.52 16.45 8.52
CA ASN A 167 7.00 17.75 8.99
C ASN A 167 8.38 17.65 9.62
N GLY A 168 8.78 16.47 10.08
CA GLY A 168 10.04 16.27 10.76
C GLY A 168 11.16 15.70 9.92
N ASN A 169 10.96 15.53 8.61
CA ASN A 169 12.00 15.04 7.71
C ASN A 169 12.24 16.05 6.60
N HIS A 170 13.51 16.28 6.29
CA HIS A 170 13.89 17.28 5.31
C HIS A 170 15.13 16.86 4.51
#